data_4JK6
#
_entry.id   4JK6
#
_cell.length_a   121.219
_cell.length_b   121.219
_cell.length_c   42.731
_cell.angle_alpha   90.00
_cell.angle_beta   90.00
_cell.angle_gamma   120.00
#
_symmetry.space_group_name_H-M   'H 3'
#
loop_
_entity.id
_entity.type
_entity.pdbx_description
1 polymer 'Urokinase-type plasminogen activator'
2 polymer 'bicyclic peptide UK18-D-Aba inhibitor of uPA'
3 non-polymer 'SULFATE ION'
4 non-polymer 'CHLORIDE ION'
5 non-polymer 'HEXAETHYLENE GLYCOL'
6 non-polymer 1,3,5-tris(bromomethyl)benzene
7 water water
#
loop_
_entity_poly.entity_id
_entity_poly.type
_entity_poly.pdbx_seq_one_letter_code
_entity_poly.pdbx_strand_id
1 'polypeptide(L)'
;IIGGEFTTIENQPWFAAIYRRHRGGSVTYVCGGSLISPCWVISATHCFIDYPKKEDYIVYLGRSRLNSNTQGEMKFEVEN
LILHKDYSADTLAHHNDIALLKIRSKEGRCAQPSRTIQTIALPSMYNDPQFGTSCEITGFGKEQSTDYLYPEQLKMTVVK
LISHRECQQPHYYGSEVTTKMLCAADPQWKTDSCQGDSGGPLVCSLQGRMTLTGIVSWGRGCALKDKPGVYTRVSHFLPW
IRSHT
;
A
2 'polypeptide(L)' ACSRYEVDCRGR(DBB)SACG(NH2) B
#
# COMPACT_ATOMS: atom_id res chain seq x y z
N ILE A 1 10.82 0.93 0.44
CA ILE A 1 11.17 -0.25 -0.35
C ILE A 1 12.66 -0.55 -0.13
N ILE A 2 12.98 -1.75 0.35
CA ILE A 2 14.34 -2.25 0.38
C ILE A 2 14.71 -2.75 -1.01
N GLY A 3 15.94 -2.44 -1.46
CA GLY A 3 16.38 -2.81 -2.81
C GLY A 3 15.58 -2.01 -3.84
N GLY A 4 15.53 -2.50 -5.06
CA GLY A 4 14.64 -1.92 -6.04
C GLY A 4 15.35 -0.73 -6.61
N GLU A 5 14.61 0.08 -7.37
N GLU A 5 14.60 0.13 -7.28
CA GLU A 5 15.10 1.24 -8.08
CA GLU A 5 15.13 1.24 -8.02
C GLU A 5 14.23 2.44 -7.74
C GLU A 5 14.22 2.44 -7.85
N PHE A 6 14.80 3.63 -7.95
CA PHE A 6 14.00 4.82 -8.12
C PHE A 6 13.26 4.78 -9.45
N THR A 7 12.01 5.22 -9.39
CA THR A 7 11.18 5.29 -10.56
C THR A 7 10.50 6.61 -10.49
N THR A 8 9.52 6.80 -11.36
CA THR A 8 8.70 7.98 -11.36
C THR A 8 7.25 7.53 -11.46
N ILE A 9 6.34 8.44 -11.16
CA ILE A 9 4.94 8.09 -11.09
C ILE A 9 4.45 7.56 -12.43
N GLU A 10 5.07 7.95 -13.53
CA GLU A 10 4.63 7.50 -14.87
C GLU A 10 4.71 5.99 -15.00
N ASN A 11 5.68 5.38 -14.33
CA ASN A 11 5.74 3.92 -14.27
C ASN A 11 4.84 3.27 -13.23
N GLN A 12 4.12 4.03 -12.38
CA GLN A 12 3.13 3.47 -11.49
C GLN A 12 2.01 4.44 -11.24
N PRO A 13 1.28 4.84 -12.30
CA PRO A 13 0.40 6.01 -12.29
C PRO A 13 -0.91 5.82 -11.51
N TRP A 14 -1.14 4.61 -10.99
CA TRP A 14 -2.21 4.30 -10.09
C TRP A 14 -1.75 4.56 -8.64
N PHE A 15 -0.48 4.90 -8.41
CA PHE A 15 0.04 5.09 -6.99
C PHE A 15 -0.42 6.43 -6.38
N ALA A 16 -0.98 6.35 -5.18
CA ALA A 16 -1.56 7.46 -4.45
C ALA A 16 -0.75 7.67 -3.17
N ALA A 17 -0.44 8.92 -2.89
CA ALA A 17 0.38 9.29 -1.80
C ALA A 17 -0.53 10.03 -0.82
N ILE A 18 -0.67 9.47 0.36
CA ILE A 18 -1.68 9.88 1.33
C ILE A 18 -0.95 10.52 2.55
N TYR A 19 -1.40 11.72 2.88
CA TYR A 19 -0.78 12.58 3.88
C TYR A 19 -1.81 12.97 4.93
N ARG A 20 -1.29 13.36 6.10
CA ARG A 20 -2.09 13.91 7.17
C ARG A 20 -1.64 15.33 7.43
N ARG A 21 -2.62 16.22 7.60
CA ARG A 21 -2.37 17.63 7.92
C ARG A 21 -2.43 17.79 9.43
N HIS A 22 -1.69 18.75 9.94
CA HIS A 22 -1.59 18.95 11.37
C HIS A 22 -2.06 20.36 11.78
N ARG A 23 -2.59 20.47 13.02
CA ARG A 23 -3.07 21.76 13.58
C ARG A 23 -2.24 23.00 13.15
N GLY A 24 -0.92 22.85 13.06
CA GLY A 24 -0.07 23.92 12.56
C GLY A 24 0.17 23.94 11.06
N GLY A 25 -0.51 23.09 10.30
CA GLY A 25 -0.31 23.02 8.83
C GLY A 25 0.94 22.25 8.40
N SER A 26 1.60 21.59 9.36
CA SER A 26 2.68 20.69 9.01
C SER A 26 1.97 19.50 8.35
N VAL A 27 2.53 19.02 7.23
CA VAL A 27 2.01 17.79 6.55
C VAL A 27 3.06 16.67 6.56
N THR A 28 2.62 15.51 7.08
CA THR A 28 3.43 14.33 7.09
C THR A 28 2.74 13.21 6.31
N TYR A 29 3.59 12.44 5.65
CA TYR A 29 3.18 11.26 4.95
C TYR A 29 2.55 10.27 5.89
N VAL A 30 1.57 9.55 5.38
CA VAL A 30 0.92 8.50 6.13
C VAL A 30 1.26 7.14 5.53
N CYS A 31 0.76 6.87 4.33
CA CYS A 31 0.90 5.61 3.62
C CYS A 31 0.60 5.79 2.11
N GLY A 32 0.76 4.72 1.38
CA GLY A 32 0.42 4.62 0.01
C GLY A 32 -0.99 4.10 -0.10
N GLY A 33 -1.44 4.17 -1.33
CA GLY A 33 -2.74 3.74 -1.82
C GLY A 33 -2.68 3.51 -3.33
N SER A 34 -3.80 3.07 -3.91
CA SER A 34 -3.95 2.79 -5.34
C SER A 34 -5.26 3.27 -5.88
N LEU A 35 -5.22 3.92 -7.07
CA LEU A 35 -6.38 4.46 -7.72
C LEU A 35 -7.14 3.36 -8.45
N ILE A 36 -8.32 3.01 -7.94
CA ILE A 36 -9.05 1.91 -8.57
C ILE A 36 -10.24 2.36 -9.45
N SER A 37 -10.68 3.58 -9.21
CA SER A 37 -11.55 4.28 -10.10
C SER A 37 -11.26 5.80 -9.96
N PRO A 38 -11.91 6.61 -10.78
CA PRO A 38 -11.62 8.03 -10.66
C PRO A 38 -11.80 8.64 -9.28
N CYS A 39 -12.84 8.25 -8.56
CA CYS A 39 -13.09 8.81 -7.23
C CYS A 39 -12.64 7.95 -6.09
N TRP A 40 -11.96 6.83 -6.33
CA TRP A 40 -11.70 5.88 -5.25
C TRP A 40 -10.27 5.40 -5.25
N VAL A 41 -9.64 5.53 -4.07
CA VAL A 41 -8.31 5.00 -3.77
C VAL A 41 -8.43 3.94 -2.69
N ILE A 42 -7.70 2.83 -2.84
CA ILE A 42 -7.77 1.74 -1.88
C ILE A 42 -6.40 1.66 -1.19
N SER A 43 -6.42 1.35 0.09
CA SER A 43 -5.28 1.39 0.96
C SER A 43 -5.55 0.45 2.11
N ALA A 44 -4.88 0.69 3.22
CA ALA A 44 -4.89 -0.21 4.35
C ALA A 44 -5.45 0.48 5.58
N THR A 45 -6.41 -0.19 6.25
CA THR A 45 -7.05 0.36 7.42
C THR A 45 -6.04 0.68 8.50
N HIS A 46 -5.00 -0.12 8.62
CA HIS A 46 -4.09 0.15 9.74
C HIS A 46 -3.43 1.52 9.61
N CYS A 47 -3.42 2.05 8.40
CA CYS A 47 -2.83 3.32 8.17
C CYS A 47 -3.59 4.44 8.86
N PHE A 48 -4.86 4.22 9.13
CA PHE A 48 -5.82 5.30 9.54
C PHE A 48 -6.47 5.04 10.92
N ILE A 49 -6.32 3.82 11.41
CA ILE A 49 -7.13 3.31 12.51
C ILE A 49 -6.96 4.19 13.73
N ASP A 50 -5.78 4.78 13.91
CA ASP A 50 -5.58 5.71 15.03
C ASP A 50 -6.13 7.13 14.84
N TYR A 51 -6.40 7.58 13.63
CA TYR A 51 -6.85 8.95 13.43
C TYR A 51 -7.86 8.85 12.34
N PRO A 52 -9.06 8.40 12.69
CA PRO A 52 -10.00 8.00 11.66
C PRO A 52 -10.86 9.12 11.06
N LYS A 53 -10.51 10.38 11.30
CA LYS A 53 -11.31 11.50 10.82
C LYS A 53 -10.83 11.90 9.42
N LYS A 54 -11.70 11.67 8.45
CA LYS A 54 -11.42 11.96 7.06
C LYS A 54 -10.87 13.36 6.80
N GLU A 55 -11.16 14.31 7.67
CA GLU A 55 -10.83 15.70 7.40
C GLU A 55 -9.35 16.03 7.44
N ASP A 56 -8.56 15.16 8.06
CA ASP A 56 -7.16 15.44 8.25
C ASP A 56 -6.30 15.05 7.07
N TYR A 57 -6.89 14.28 6.16
CA TYR A 57 -6.14 13.61 5.08
C TYR A 57 -6.17 14.31 3.78
N ILE A 58 -5.02 14.25 3.12
CA ILE A 58 -4.89 14.72 1.78
C ILE A 58 -4.37 13.58 0.93
N VAL A 59 -4.85 13.52 -0.31
CA VAL A 59 -4.38 12.53 -1.26
C VAL A 59 -3.85 13.15 -2.54
N TYR A 60 -2.61 12.82 -2.89
CA TYR A 60 -1.99 13.14 -4.17
C TYR A 60 -1.94 11.95 -5.12
N LEU A 61 -2.25 12.23 -6.37
CA LEU A 61 -2.01 11.37 -7.49
C LEU A 61 -1.06 12.11 -8.39
N GLY A 62 -0.41 11.36 -9.25
CA GLY A 62 0.59 11.91 -10.20
C GLY A 62 1.81 12.44 -9.46
N ARG A 63 2.11 11.92 -8.29
CA ARG A 63 3.20 12.50 -7.45
C ARG A 63 4.40 11.54 -7.29
N SER A 64 5.57 12.06 -7.56
CA SER A 64 6.80 11.26 -7.65
C SER A 64 7.77 11.49 -6.49
N ARG A 65 7.54 12.52 -5.70
CA ARG A 65 8.46 12.91 -4.64
C ARG A 65 7.69 13.08 -3.35
N LEU A 66 8.37 12.82 -2.23
CA LEU A 66 7.64 12.71 -0.95
C LEU A 66 7.32 14.06 -0.36
N ASN A 67 8.30 14.95 -0.23
CA ASN A 67 8.13 16.24 0.48
C ASN A 67 8.29 17.44 -0.42
N SER A 68 8.39 17.18 -1.72
CA SER A 68 8.41 18.19 -2.76
C SER A 68 7.30 17.85 -3.73
N ASN A 69 6.86 18.87 -4.46
CA ASN A 69 5.80 18.74 -5.46
C ASN A 69 6.41 18.38 -6.84
N THR A 70 5.65 17.63 -7.65
CA THR A 70 6.11 17.27 -8.97
C THR A 70 5.06 17.68 -9.98
N GLN A 71 5.55 18.01 -11.17
CA GLN A 71 4.75 18.46 -12.34
C GLN A 71 3.73 17.38 -12.75
N GLY A 72 2.46 17.69 -12.88
CA GLY A 72 1.50 16.65 -13.29
C GLY A 72 0.78 16.00 -12.10
N GLU A 73 1.07 16.46 -10.86
CA GLU A 73 0.38 15.95 -9.65
C GLU A 73 -0.95 16.67 -9.45
N MET A 74 -1.85 16.03 -8.75
CA MET A 74 -3.17 16.54 -8.47
C MET A 74 -3.51 16.20 -7.01
N LYS A 75 -4.13 17.19 -6.39
CA LYS A 75 -4.42 17.19 -4.98
C LYS A 75 -5.92 17.04 -4.68
N PHE A 76 -6.19 16.18 -3.72
CA PHE A 76 -7.57 15.79 -3.37
C PHE A 76 -7.80 15.77 -1.88
N GLU A 77 -9.00 16.19 -1.51
CA GLU A 77 -9.55 15.99 -0.19
C GLU A 77 -10.11 14.58 -0.10
N VAL A 78 -10.33 14.10 1.13
CA VAL A 78 -11.02 12.82 1.34
C VAL A 78 -12.51 13.03 1.69
N GLU A 79 -13.39 12.70 0.76
CA GLU A 79 -14.82 12.89 0.92
C GLU A 79 -15.38 11.83 1.84
N ASN A 80 -15.01 10.55 1.63
CA ASN A 80 -15.34 9.40 2.53
C ASN A 80 -14.11 8.61 2.91
N LEU A 81 -13.99 8.24 4.18
CA LEU A 81 -12.92 7.35 4.65
C LEU A 81 -13.53 6.15 5.28
N ILE A 82 -13.38 5.01 4.62
CA ILE A 82 -14.06 3.79 4.96
C ILE A 82 -13.03 2.78 5.39
N LEU A 83 -13.13 2.37 6.64
CA LEU A 83 -12.28 1.34 7.22
C LEU A 83 -13.02 0.04 7.36
N HIS A 84 -12.28 -1.07 7.42
CA HIS A 84 -12.92 -2.36 7.59
C HIS A 84 -13.29 -2.61 9.03
N LYS A 85 -14.58 -2.83 9.27
CA LYS A 85 -15.10 -2.97 10.64
C LYS A 85 -14.62 -4.25 11.33
N ASP A 86 -14.13 -5.20 10.58
CA ASP A 86 -13.38 -6.31 11.19
C ASP A 86 -11.84 -6.18 11.21
N TYR A 87 -11.30 -4.99 11.00
CA TYR A 87 -9.85 -4.83 11.13
C TYR A 87 -9.45 -5.37 12.50
N SER A 88 -8.42 -6.19 12.54
CA SER A 88 -7.73 -6.40 13.79
C SER A 88 -6.28 -6.76 13.53
N ALA A 89 -5.47 -6.63 14.57
CA ALA A 89 -4.09 -7.04 14.51
C ALA A 89 -3.76 -7.71 15.78
N ASP A 90 -3.31 -8.95 15.72
CA ASP A 90 -2.53 -9.48 16.84
C ASP A 90 -1.21 -8.68 16.82
N THR A 91 -0.19 -9.17 17.53
CA THR A 91 1.12 -8.49 17.59
C THR A 91 1.87 -8.35 16.25
N LEU A 92 1.54 -9.19 15.26
CA LEU A 92 2.26 -9.15 13.98
C LEU A 92 1.32 -8.99 12.79
N ALA A 93 0.37 -9.90 12.66
CA ALA A 93 -0.51 -9.92 11.51
C ALA A 93 -1.59 -8.86 11.59
N HIS A 94 -2.03 -8.40 10.43
CA HIS A 94 -3.16 -7.48 10.34
C HIS A 94 -4.20 -8.16 9.53
N HIS A 95 -5.40 -8.20 10.08
CA HIS A 95 -6.50 -8.87 9.43
C HIS A 95 -7.44 -7.85 8.88
N ASN A 96 -8.02 -8.15 7.72
CA ASN A 96 -8.88 -7.22 7.03
C ASN A 96 -8.27 -5.81 6.97
N ASP A 97 -7.01 -5.77 6.52
CA ASP A 97 -6.24 -4.53 6.36
C ASP A 97 -6.51 -3.86 5.04
N ILE A 98 -7.61 -3.14 5.01
CA ILE A 98 -8.16 -2.60 3.77
C ILE A 98 -9.09 -1.44 4.06
N ALA A 99 -8.93 -0.40 3.24
CA ALA A 99 -9.57 0.86 3.42
C ALA A 99 -9.89 1.49 2.06
N LEU A 100 -10.94 2.27 2.01
CA LEU A 100 -11.28 3.08 0.81
C LEU A 100 -11.38 4.52 1.12
N LEU A 101 -10.91 5.33 0.18
CA LEU A 101 -11.01 6.75 0.28
C LEU A 101 -11.65 7.26 -0.99
N LYS A 102 -12.73 7.98 -0.82
CA LYS A 102 -13.32 8.69 -1.91
C LYS A 102 -12.70 10.07 -1.90
N ILE A 103 -12.12 10.40 -3.02
CA ILE A 103 -11.32 11.58 -3.20
C ILE A 103 -12.15 12.56 -3.95
N ARG A 104 -11.89 13.82 -3.70
CA ARG A 104 -12.64 14.91 -4.27
C ARG A 104 -11.76 16.14 -4.22
N SER A 105 -11.53 16.78 -5.36
CA SER A 105 -10.79 18.04 -5.38
C SER A 105 -11.62 19.18 -4.82
N LYS A 106 -11.02 20.36 -4.70
CA LYS A 106 -11.73 21.52 -4.11
C LYS A 106 -12.74 22.06 -5.09
N GLU A 107 -12.48 21.85 -6.38
CA GLU A 107 -13.46 22.09 -7.40
C GLU A 107 -14.51 20.95 -7.45
N GLY A 108 -14.48 20.00 -6.54
CA GLY A 108 -15.48 18.93 -6.49
C GLY A 108 -15.30 17.84 -7.52
N ARG A 109 -14.10 17.70 -8.08
CA ARG A 109 -13.88 16.70 -9.12
C ARG A 109 -13.05 15.50 -8.68
N CYS A 110 -13.12 14.45 -9.49
CA CYS A 110 -12.40 13.19 -9.25
C CYS A 110 -11.19 13.13 -10.20
N ALA A 111 -10.42 12.06 -10.14
CA ALA A 111 -9.23 11.98 -10.97
C ALA A 111 -9.58 12.00 -12.45
N GLN A 112 -8.67 12.59 -13.21
CA GLN A 112 -8.56 12.37 -14.63
C GLN A 112 -7.26 11.73 -15.16
N PRO A 113 -7.41 10.70 -16.02
CA PRO A 113 -6.28 10.06 -16.69
C PRO A 113 -5.32 11.03 -17.40
N SER A 114 -4.02 10.86 -17.14
CA SER A 114 -2.98 11.61 -17.82
C SER A 114 -1.75 10.71 -17.82
N ARG A 115 -0.71 11.25 -18.38
CA ARG A 115 0.64 10.73 -18.34
C ARG A 115 1.02 10.20 -16.94
N THR A 116 0.56 10.87 -15.91
CA THR A 116 0.97 10.52 -14.52
C THR A 116 -0.10 9.83 -13.68
N ILE A 117 -1.31 9.76 -14.20
CA ILE A 117 -2.43 9.23 -13.44
C ILE A 117 -3.28 8.29 -14.31
N GLN A 118 -3.47 7.06 -13.83
CA GLN A 118 -4.29 6.04 -14.45
C GLN A 118 -4.83 5.15 -13.36
N THR A 119 -5.95 4.47 -13.61
CA THR A 119 -6.52 3.52 -12.59
C THR A 119 -5.84 2.16 -12.74
N ILE A 120 -5.89 1.34 -11.67
CA ILE A 120 -5.42 -0.05 -11.74
C ILE A 120 -6.69 -0.96 -11.63
N ALA A 121 -6.79 -1.96 -12.51
CA ALA A 121 -7.86 -2.92 -12.47
C ALA A 121 -7.81 -3.76 -11.21
N LEU A 122 -8.99 -4.19 -10.77
CA LEU A 122 -9.11 -5.16 -9.71
C LEU A 122 -9.13 -6.57 -10.31
N PRO A 123 -8.72 -7.59 -9.56
CA PRO A 123 -8.94 -8.89 -10.10
C PRO A 123 -10.43 -9.31 -9.99
N SER A 124 -10.84 -10.30 -10.77
CA SER A 124 -12.14 -10.90 -10.61
C SER A 124 -12.04 -11.90 -9.46
N MET A 125 -13.18 -12.35 -8.98
CA MET A 125 -13.19 -13.01 -7.68
C MET A 125 -12.27 -14.20 -7.60
N TYR A 126 -11.42 -14.19 -6.58
CA TYR A 126 -10.65 -15.36 -6.24
C TYR A 126 -9.60 -15.70 -7.31
N ASN A 127 -9.39 -14.77 -8.23
CA ASN A 127 -8.42 -14.94 -9.28
C ASN A 127 -7.05 -14.31 -8.92
N ASP A 128 -6.10 -15.14 -8.48
CA ASP A 128 -4.74 -14.71 -8.21
C ASP A 128 -3.82 -15.38 -9.19
N PRO A 129 -2.68 -14.72 -9.55
CA PRO A 129 -1.73 -15.40 -10.43
C PRO A 129 -1.13 -16.60 -9.71
N GLN A 130 -0.46 -17.47 -10.45
CA GLN A 130 0.16 -18.64 -9.83
C GLN A 130 1.37 -18.21 -9.02
N PHE A 131 1.67 -18.97 -7.96
CA PHE A 131 2.90 -18.78 -7.22
C PHE A 131 4.07 -18.78 -8.20
N GLY A 132 5.15 -18.07 -7.84
CA GLY A 132 6.27 -17.86 -8.78
C GLY A 132 6.15 -16.62 -9.67
N THR A 133 4.93 -16.08 -9.81
CA THR A 133 4.68 -14.91 -10.62
C THR A 133 5.37 -13.65 -10.06
N SER A 134 6.08 -12.91 -10.93
CA SER A 134 6.81 -11.68 -10.54
C SER A 134 5.88 -10.47 -10.58
N CYS A 135 5.80 -9.75 -9.45
CA CYS A 135 4.86 -8.66 -9.23
C CYS A 135 5.62 -7.43 -8.78
N GLU A 136 4.95 -6.29 -8.81
CA GLU A 136 5.60 -5.06 -8.45
C GLU A 136 4.96 -4.40 -7.28
N ILE A 137 5.82 -3.87 -6.41
CA ILE A 137 5.38 -3.04 -5.33
C ILE A 137 6.07 -1.72 -5.47
N THR A 138 5.42 -0.66 -4.96
N THR A 138 5.48 -0.71 -4.86
CA THR A 138 5.89 0.73 -5.09
CA THR A 138 6.05 0.61 -4.89
C THR A 138 5.55 1.51 -3.81
C THR A 138 5.69 1.36 -3.65
N GLY A 139 6.43 2.43 -3.42
CA GLY A 139 6.21 3.25 -2.27
C GLY A 139 7.36 4.14 -1.87
N PHE A 140 7.04 5.02 -0.93
CA PHE A 140 8.01 5.91 -0.28
C PHE A 140 8.53 5.36 1.06
N GLY A 141 8.48 4.05 1.23
CA GLY A 141 8.86 3.49 2.54
C GLY A 141 10.36 3.41 2.75
N LYS A 142 10.76 2.92 3.91
CA LYS A 142 12.18 2.96 4.23
C LYS A 142 12.97 2.14 3.23
N GLU A 143 14.22 2.56 3.00
CA GLU A 143 15.15 1.80 2.18
C GLU A 143 15.91 0.73 2.94
N GLN A 144 16.04 0.95 4.25
CA GLN A 144 16.56 -0.06 5.19
C GLN A 144 15.67 0.05 6.41
N SER A 145 15.45 -1.11 6.99
CA SER A 145 14.70 -1.27 8.22
C SER A 145 15.16 -0.37 9.36
N THR A 146 16.44 -0.04 9.38
CA THR A 146 17.07 0.69 10.49
C THR A 146 17.13 2.21 10.28
N ASP A 147 16.74 2.63 9.07
CA ASP A 147 16.73 4.06 8.72
C ASP A 147 15.71 4.77 9.55
N TYR A 148 15.99 6.03 9.81
CA TYR A 148 15.00 6.90 10.38
C TYR A 148 14.36 7.83 9.34
N LEU A 149 14.95 7.95 8.14
CA LEU A 149 14.43 8.78 7.10
C LEU A 149 13.87 7.96 5.97
N TYR A 150 13.02 8.68 5.22
CA TYR A 150 12.28 8.13 4.09
C TYR A 150 12.88 8.76 2.81
N PRO A 151 12.94 7.99 1.75
CA PRO A 151 13.49 8.49 0.53
C PRO A 151 12.54 9.56 -0.03
N GLU A 152 13.15 10.51 -0.72
CA GLU A 152 12.44 11.62 -1.33
C GLU A 152 11.83 11.23 -2.70
N GLN A 153 12.33 10.19 -3.33
CA GLN A 153 11.91 9.79 -4.66
C GLN A 153 11.19 8.43 -4.57
N LEU A 154 10.06 8.34 -5.27
CA LEU A 154 9.34 7.08 -5.39
C LEU A 154 10.25 5.88 -5.82
N LYS A 155 10.11 4.72 -5.18
CA LYS A 155 10.78 3.49 -5.53
C LYS A 155 9.80 2.36 -5.85
N MET A 156 10.30 1.38 -6.61
CA MET A 156 9.63 0.14 -6.86
C MET A 156 10.63 -0.98 -6.88
N THR A 157 10.11 -2.20 -6.81
CA THR A 157 10.91 -3.38 -6.97
C THR A 157 9.97 -4.55 -7.35
N VAL A 158 10.60 -5.66 -7.74
CA VAL A 158 9.90 -6.86 -8.13
C VAL A 158 10.04 -7.90 -7.02
N VAL A 159 8.94 -8.58 -6.74
CA VAL A 159 8.89 -9.69 -5.79
C VAL A 159 8.03 -10.82 -6.42
N LYS A 160 8.24 -12.06 -5.97
CA LYS A 160 7.50 -13.21 -6.48
C LYS A 160 6.48 -13.73 -5.49
N LEU A 161 5.33 -14.16 -6.00
CA LEU A 161 4.28 -14.71 -5.18
C LEU A 161 4.64 -16.06 -4.62
N ILE A 162 4.26 -16.25 -3.36
CA ILE A 162 4.57 -17.44 -2.62
C ILE A 162 3.24 -18.15 -2.29
N SER A 163 3.24 -19.47 -2.42
CA SER A 163 2.04 -20.26 -2.10
C SER A 163 1.75 -20.17 -0.62
N HIS A 164 0.48 -20.30 -0.27
CA HIS A 164 0.10 -20.27 1.12
C HIS A 164 0.82 -21.35 1.85
N ARG A 165 0.75 -22.57 1.32
CA ARG A 165 1.46 -23.71 1.89
C ARG A 165 2.86 -23.29 2.32
N GLU A 166 3.66 -22.81 1.37
CA GLU A 166 5.00 -22.37 1.70
C GLU A 166 5.02 -21.21 2.72
N CYS A 167 4.07 -20.27 2.62
CA CYS A 167 4.03 -19.13 3.56
C CYS A 167 3.51 -19.55 4.93
N GLN A 168 2.74 -20.64 4.92
CA GLN A 168 2.22 -21.24 6.12
C GLN A 168 3.14 -22.31 6.67
N GLN A 169 4.46 -22.14 6.53
CA GLN A 169 5.41 -22.99 7.26
C GLN A 169 5.77 -22.32 8.59
N PRO A 170 6.17 -23.12 9.61
CA PRO A 170 6.64 -22.53 10.87
C PRO A 170 7.77 -21.53 10.68
N HIS A 171 8.76 -21.91 9.88
CA HIS A 171 9.93 -21.07 9.66
C HIS A 171 9.62 -19.85 8.73
N TYR A 172 8.42 -19.80 8.15
CA TYR A 172 7.84 -18.53 7.59
C TYR A 172 6.87 -17.85 8.59
N TYR A 173 5.56 -17.88 8.34
CA TYR A 173 4.58 -17.28 9.27
C TYR A 173 3.54 -18.22 9.90
N GLY A 174 3.47 -19.46 9.43
CA GLY A 174 2.54 -20.43 9.96
C GLY A 174 1.09 -20.14 9.61
N SER A 175 0.21 -20.28 10.59
CA SER A 175 -1.21 -19.93 10.39
C SER A 175 -1.45 -18.49 10.78
N GLU A 176 -0.39 -17.72 10.89
CA GLU A 176 -0.48 -16.28 11.06
C GLU A 176 -0.99 -15.63 9.74
N VAL A 177 -0.76 -16.34 8.62
CA VAL A 177 -1.27 -15.98 7.30
C VAL A 177 -2.57 -16.69 7.02
N THR A 178 -3.61 -15.92 6.72
CA THR A 178 -4.94 -16.47 6.47
C THR A 178 -5.19 -16.49 4.96
N THR A 179 -6.38 -16.88 4.58
CA THR A 179 -6.70 -17.05 3.16
C THR A 179 -7.09 -15.72 2.51
N LYS A 180 -7.29 -14.70 3.34
CA LYS A 180 -7.50 -13.33 2.88
C LYS A 180 -6.21 -12.48 2.86
N MET A 181 -5.08 -13.18 2.95
CA MET A 181 -3.75 -12.64 2.80
C MET A 181 -3.00 -13.42 1.74
N LEU A 182 -1.83 -12.91 1.43
CA LEU A 182 -1.05 -13.37 0.30
C LEU A 182 0.38 -12.93 0.53
N CYS A 183 1.36 -13.82 0.30
CA CYS A 183 2.77 -13.54 0.52
C CYS A 183 3.57 -13.36 -0.76
N ALA A 184 4.51 -12.41 -0.70
CA ALA A 184 5.45 -12.19 -1.78
C ALA A 184 6.77 -11.78 -1.20
N ALA A 185 7.85 -12.20 -1.87
CA ALA A 185 9.19 -11.90 -1.41
C ALA A 185 10.19 -12.13 -2.51
N ASP A 186 11.43 -11.79 -2.23
CA ASP A 186 12.52 -11.95 -3.18
C ASP A 186 13.06 -13.34 -2.94
N PRO A 187 13.30 -14.11 -4.00
CA PRO A 187 13.89 -15.43 -3.76
C PRO A 187 15.20 -15.34 -2.92
N GLN A 188 16.04 -14.36 -3.24
CA GLN A 188 17.29 -14.11 -2.52
C GLN A 188 17.10 -13.27 -1.27
N TRP A 189 15.85 -12.89 -0.96
CA TRP A 189 15.49 -12.09 0.23
C TRP A 189 16.20 -10.70 0.32
N LYS A 190 16.51 -10.08 -0.81
CA LYS A 190 17.18 -8.77 -0.84
C LYS A 190 16.27 -7.55 -1.07
N THR A 191 15.01 -7.76 -1.41
CA THR A 191 14.15 -6.65 -1.71
C THR A 191 12.77 -6.89 -1.17
N ASP A 192 12.08 -5.81 -0.72
CA ASP A 192 10.89 -5.96 0.09
C ASP A 192 10.29 -4.61 0.41
N SER A 193 9.04 -4.65 0.88
CA SER A 193 8.34 -3.47 1.34
C SER A 193 8.87 -3.18 2.75
N CYS A 194 8.63 -1.97 3.25
CA CYS A 194 9.02 -1.65 4.63
C CYS A 194 8.10 -0.56 5.15
N GLN A 195 8.38 -0.04 6.34
CA GLN A 195 7.60 1.05 6.90
C GLN A 195 7.51 2.20 5.94
N GLY A 196 6.30 2.76 5.82
CA GLY A 196 5.96 3.73 4.84
C GLY A 196 5.39 3.17 3.54
N ASP A 197 5.55 1.89 3.29
CA ASP A 197 5.04 1.30 2.07
C ASP A 197 3.57 0.77 2.20
N SER A 198 3.07 0.71 3.43
CA SER A 198 1.79 0.11 3.67
C SER A 198 0.69 0.82 2.85
N GLY A 199 -0.35 0.10 2.47
CA GLY A 199 -1.46 0.64 1.68
C GLY A 199 -1.18 0.65 0.20
N GLY A 200 0.09 0.53 -0.10
CA GLY A 200 0.54 0.53 -1.45
C GLY A 200 0.25 -0.74 -2.24
N PRO A 201 0.45 -0.67 -3.55
CA PRO A 201 0.06 -1.73 -4.46
C PRO A 201 1.04 -2.87 -4.62
N LEU A 202 0.50 -4.07 -4.72
CA LEU A 202 1.14 -5.20 -5.31
C LEU A 202 0.44 -5.48 -6.60
N VAL A 203 1.18 -5.31 -7.70
CA VAL A 203 0.62 -5.30 -9.02
C VAL A 203 1.18 -6.45 -9.82
N CYS A 204 0.25 -7.23 -10.40
CA CYS A 204 0.65 -8.30 -11.29
C CYS A 204 -0.10 -8.27 -12.63
N SER A 205 0.55 -8.86 -13.63
CA SER A 205 -0.10 -9.07 -14.89
C SER A 205 -0.91 -10.34 -14.71
N LEU A 206 -2.17 -10.31 -15.11
CA LEU A 206 -3.09 -11.45 -14.91
C LEU A 206 -4.15 -11.33 -15.99
N GLN A 207 -4.17 -12.31 -16.90
CA GLN A 207 -4.99 -12.28 -18.14
C GLN A 207 -4.62 -11.07 -19.01
N GLY A 208 -3.32 -10.84 -19.13
CA GLY A 208 -2.76 -9.72 -19.89
C GLY A 208 -3.19 -8.38 -19.31
N ARG A 209 -3.56 -8.37 -18.03
CA ARG A 209 -4.03 -7.15 -17.42
C ARG A 209 -3.19 -6.79 -16.18
N MET A 210 -2.67 -5.56 -16.13
CA MET A 210 -2.09 -5.03 -14.88
C MET A 210 -3.21 -4.96 -13.82
N THR A 211 -2.95 -5.67 -12.73
CA THR A 211 -3.94 -5.94 -11.74
C THR A 211 -3.44 -5.78 -10.31
N LEU A 212 -4.28 -5.13 -9.49
CA LEU A 212 -4.07 -4.98 -8.06
C LEU A 212 -4.33 -6.24 -7.30
N THR A 213 -3.31 -7.03 -7.16
CA THR A 213 -3.44 -8.37 -6.59
C THR A 213 -3.37 -8.26 -5.08
N GLY A 214 -2.57 -7.33 -4.58
CA GLY A 214 -2.44 -7.11 -3.16
C GLY A 214 -2.22 -5.67 -2.75
N ILE A 215 -2.33 -5.45 -1.45
CA ILE A 215 -2.16 -4.20 -0.80
C ILE A 215 -1.14 -4.43 0.32
N VAL A 216 -0.09 -3.64 0.38
CA VAL A 216 0.97 -3.85 1.35
C VAL A 216 0.39 -3.77 2.77
N SER A 217 0.58 -4.85 3.56
CA SER A 217 -0.03 -4.90 4.90
C SER A 217 0.94 -5.09 6.06
N TRP A 218 1.69 -6.19 6.08
CA TRP A 218 2.58 -6.51 7.22
C TRP A 218 3.72 -7.47 6.90
N GLY A 219 4.55 -7.74 7.92
CA GLY A 219 5.61 -8.72 7.82
C GLY A 219 6.54 -8.51 8.97
N ARG A 220 7.33 -9.51 9.29
CA ARG A 220 8.32 -9.41 10.36
C ARG A 220 9.57 -8.80 9.77
N GLY A 221 10.01 -7.68 10.32
CA GLY A 221 11.16 -6.99 9.73
C GLY A 221 10.88 -6.61 8.27
N CYS A 222 11.92 -6.26 7.54
CA CYS A 222 11.84 -5.96 6.09
C CYS A 222 13.01 -6.68 5.36
N ALA A 223 12.70 -7.39 4.27
CA ALA A 223 13.70 -8.18 3.57
C ALA A 223 14.54 -9.06 4.54
N LEU A 224 13.85 -9.71 5.48
CA LEU A 224 14.46 -10.76 6.35
C LEU A 224 14.19 -12.13 5.79
N LYS A 225 15.19 -13.00 5.82
CA LYS A 225 15.09 -14.37 5.30
C LYS A 225 13.88 -15.09 5.93
N ASP A 226 13.12 -15.77 5.08
CA ASP A 226 11.96 -16.54 5.49
C ASP A 226 10.85 -15.70 6.16
N LYS A 227 10.87 -14.40 5.89
CA LYS A 227 9.87 -13.49 6.37
C LYS A 227 9.34 -12.66 5.19
N PRO A 228 8.49 -13.29 4.37
CA PRO A 228 7.96 -12.58 3.22
C PRO A 228 7.03 -11.40 3.56
N GLY A 229 6.82 -10.53 2.56
CA GLY A 229 5.83 -9.46 2.65
C GLY A 229 4.44 -10.07 2.69
N VAL A 230 3.52 -9.45 3.43
CA VAL A 230 2.16 -10.03 3.53
C VAL A 230 1.21 -8.93 3.10
N TYR A 231 0.30 -9.33 2.20
CA TYR A 231 -0.48 -8.41 1.43
C TYR A 231 -1.94 -8.74 1.59
N THR A 232 -2.78 -7.75 1.72
CA THR A 232 -4.25 -8.03 1.64
C THR A 232 -4.58 -8.61 0.24
N ARG A 233 -5.30 -9.73 0.22
CA ARG A 233 -5.51 -10.51 -1.00
C ARG A 233 -6.77 -9.98 -1.62
N VAL A 234 -6.61 -9.02 -2.52
CA VAL A 234 -7.71 -8.21 -3.01
C VAL A 234 -8.81 -9.08 -3.63
N SER A 235 -8.44 -10.19 -4.24
CA SER A 235 -9.41 -11.00 -5.00
C SER A 235 -10.44 -11.63 -4.10
N HIS A 236 -10.27 -11.46 -2.78
CA HIS A 236 -11.14 -11.99 -1.73
C HIS A 236 -11.84 -10.89 -0.94
N PHE A 237 -11.77 -9.67 -1.44
CA PHE A 237 -12.48 -8.54 -0.85
C PHE A 237 -13.39 -7.83 -1.82
N LEU A 238 -13.78 -8.47 -2.92
CA LEU A 238 -14.62 -7.80 -3.92
C LEU A 238 -15.98 -7.40 -3.34
N PRO A 239 -16.64 -8.31 -2.60
CA PRO A 239 -17.97 -7.91 -2.12
C PRO A 239 -17.93 -6.64 -1.28
N TRP A 240 -16.99 -6.62 -0.32
CA TRP A 240 -16.69 -5.44 0.50
C TRP A 240 -16.44 -4.18 -0.32
N ILE A 241 -15.66 -4.32 -1.38
CA ILE A 241 -15.37 -3.20 -2.26
C ILE A 241 -16.60 -2.79 -3.11
N ARG A 242 -17.32 -3.73 -3.68
CA ARG A 242 -18.57 -3.36 -4.36
C ARG A 242 -19.53 -2.64 -3.37
N SER A 243 -19.63 -3.12 -2.13
CA SER A 243 -20.76 -2.73 -1.27
C SER A 243 -20.50 -1.40 -0.66
N HIS A 244 -19.23 -0.98 -0.65
CA HIS A 244 -18.87 0.32 -0.18
C HIS A 244 -18.63 1.34 -1.30
N THR A 245 -18.65 0.91 -2.56
CA THR A 245 -18.18 1.76 -3.64
C THR A 245 -19.31 2.20 -4.61
N ALA B 1 10.67 7.27 21.73
CA ALA B 1 9.24 7.71 21.64
C ALA B 1 8.74 7.75 20.19
N CYS B 2 7.42 7.73 20.02
CA CYS B 2 6.77 7.70 18.68
C CYS B 2 5.45 8.53 18.69
N SER B 3 5.32 9.49 17.75
CA SER B 3 4.28 10.54 17.82
C SER B 3 3.14 10.47 16.76
N ARG B 4 2.39 11.57 16.63
CA ARG B 4 1.33 11.72 15.62
C ARG B 4 1.89 12.21 14.28
N TYR B 5 3.17 12.52 14.24
CA TYR B 5 3.88 12.94 13.03
C TYR B 5 4.54 11.75 12.37
N GLU B 6 4.31 10.56 12.90
CA GLU B 6 5.06 9.41 12.47
C GLU B 6 4.40 8.83 11.21
N VAL B 7 5.24 8.49 10.25
CA VAL B 7 4.82 7.83 9.03
C VAL B 7 4.40 6.37 9.29
N ASP B 8 3.22 5.99 8.79
CA ASP B 8 2.79 4.55 8.78
C ASP B 8 3.20 3.87 10.13
N CYS B 9 2.61 4.38 11.21
CA CYS B 9 3.04 4.05 12.58
C CYS B 9 2.74 2.60 12.95
N ARG B 10 1.88 1.92 12.21
CA ARG B 10 1.65 0.50 12.42
C ARG B 10 2.14 -0.35 11.28
N GLY B 11 3.12 0.17 10.55
CA GLY B 11 3.70 -0.57 9.45
C GLY B 11 4.73 -1.56 9.92
N ARG B 12 4.99 -2.53 9.06
CA ARG B 12 6.11 -3.44 9.25
C ARG B 12 7.33 -2.59 9.45
N SER B 14 7.75 -1.00 12.18
CA SER B 14 7.49 0.04 13.18
C SER B 14 7.70 -0.52 14.56
N ALA B 15 8.06 0.39 15.47
CA ALA B 15 8.15 0.10 16.90
C ALA B 15 6.83 0.52 17.47
N CYS B 16 5.86 -0.38 17.35
CA CYS B 16 4.56 -0.19 17.97
C CYS B 16 4.09 -1.56 18.46
N GLY B 17 3.53 -1.58 19.67
CA GLY B 17 3.22 -2.82 20.36
C GLY B 17 4.16 -3.07 21.53
#